data_2DQL
#
_entry.id   2DQL
#
_cell.length_a   50.126
_cell.length_b   75.040
_cell.length_c   103.705
_cell.angle_alpha   90
_cell.angle_beta   90
_cell.angle_gamma   90
#
_symmetry.space_group_name_H-M   'P 21 21 21'
#
loop_
_entity.id
_entity.type
_entity.pdbx_description
1 polymer 'Pex protein'
2 non-polymer 'PHOSPHATE ION'
3 water water
#
_entity_poly.entity_id   1
_entity_poly.type   'polypeptide(L)'
_entity_poly.pdbx_seq_one_letter_code
;MKIEDIYQFFENPPPTYLCQEVAICYILYVLLQGESYGTELIQQLETEHPTYRLSDTVLYSAIKFLEDNRAITGYWKKLE
GRGRPRRMYQVSPEWQHQAEDLARLWQNYIYVRTN
;
_entity_poly.pdbx_strand_id   A,B
#
loop_
_chem_comp.id
_chem_comp.type
_chem_comp.name
_chem_comp.formula
PO4 non-polymer 'PHOSPHATE ION' 'O4 P -3'
#
# COMPACT_ATOMS: atom_id res chain seq x y z
N MET A 1 7.54 11.70 11.76
CA MET A 1 6.29 12.43 11.40
C MET A 1 5.72 13.18 12.60
N LYS A 2 4.51 13.69 12.46
CA LYS A 2 3.87 14.42 13.54
C LYS A 2 2.47 13.86 13.83
N ILE A 3 1.98 14.13 15.03
CA ILE A 3 0.66 13.65 15.45
C ILE A 3 -0.43 14.09 14.49
N GLU A 4 -0.36 15.32 14.01
CA GLU A 4 -1.38 15.83 13.09
C GLU A 4 -1.43 15.01 11.80
N ASP A 5 -0.29 14.48 11.39
CA ASP A 5 -0.24 13.66 10.17
C ASP A 5 -1.05 12.39 10.36
N ILE A 6 -1.08 11.90 11.59
CA ILE A 6 -1.84 10.70 11.89
C ILE A 6 -3.32 11.01 11.74
N TYR A 7 -3.76 12.11 12.32
CA TYR A 7 -5.16 12.50 12.21
C TYR A 7 -5.51 12.73 10.74
N GLN A 8 -4.61 13.37 10.01
CA GLN A 8 -4.86 13.65 8.59
C GLN A 8 -5.05 12.38 7.76
N PHE A 9 -4.31 11.33 8.07
CA PHE A 9 -4.41 10.07 7.35
C PHE A 9 -5.84 9.52 7.39
N PHE A 10 -6.49 9.64 8.54
CA PHE A 10 -7.85 9.13 8.69
C PHE A 10 -8.93 10.08 8.19
N GLU A 11 -8.74 11.37 8.44
CA GLU A 11 -9.72 12.38 8.04
C GLU A 11 -9.71 12.70 6.55
N ASN A 12 -8.53 12.61 5.95
CA ASN A 12 -8.38 12.87 4.51
C ASN A 12 -7.48 11.79 3.94
N PRO A 13 -8.03 10.58 3.73
CA PRO A 13 -7.28 9.44 3.20
C PRO A 13 -6.43 9.80 1.99
N PRO A 14 -5.14 9.43 2.03
CA PRO A 14 -4.23 9.72 0.92
C PRO A 14 -4.58 8.82 -0.26
N PRO A 15 -4.22 9.24 -1.49
CA PRO A 15 -4.53 8.41 -2.65
C PRO A 15 -3.84 7.06 -2.59
N THR A 16 -4.40 6.07 -3.27
CA THR A 16 -3.83 4.73 -3.30
C THR A 16 -2.84 4.61 -4.45
N TYR A 17 -1.61 4.20 -4.15
CA TYR A 17 -0.61 4.00 -5.19
C TYR A 17 -0.76 2.58 -5.70
N LEU A 18 -0.91 2.43 -7.01
CA LEU A 18 -1.08 1.11 -7.60
C LEU A 18 0.13 0.21 -7.39
N CYS A 19 -0.12 -1.08 -7.19
CA CYS A 19 0.98 -2.04 -7.06
C CYS A 19 1.18 -2.52 -8.49
N GLN A 20 2.25 -3.27 -8.72
CA GLN A 20 2.57 -3.75 -10.07
C GLN A 20 1.45 -4.49 -10.79
N GLU A 21 0.84 -5.46 -10.12
CA GLU A 21 -0.22 -6.24 -10.73
C GLU A 21 -1.36 -5.37 -11.26
N VAL A 22 -1.77 -4.39 -10.47
CA VAL A 22 -2.86 -3.51 -10.87
C VAL A 22 -2.39 -2.54 -11.96
N ALA A 23 -1.18 -1.99 -11.81
CA ALA A 23 -0.65 -1.06 -12.80
C ALA A 23 -0.56 -1.69 -14.18
N ILE A 24 -0.20 -2.97 -14.23
CA ILE A 24 -0.08 -3.68 -15.51
C ILE A 24 -1.44 -3.69 -16.22
N CYS A 25 -2.50 -3.97 -15.48
CA CYS A 25 -3.84 -4.00 -16.06
C CYS A 25 -4.30 -2.60 -16.47
N TYR A 26 -4.00 -1.61 -15.64
CA TYR A 26 -4.36 -0.22 -15.95
C TYR A 26 -3.65 0.23 -17.23
N ILE A 27 -2.35 -0.06 -17.32
CA ILE A 27 -1.60 0.35 -18.49
C ILE A 27 -2.19 -0.28 -19.77
N LEU A 28 -2.51 -1.57 -19.72
CA LEU A 28 -3.09 -2.22 -20.90
C LEU A 28 -4.45 -1.61 -21.23
N TYR A 29 -5.21 -1.26 -20.20
CA TYR A 29 -6.51 -0.62 -20.39
C TYR A 29 -6.34 0.65 -21.23
N VAL A 30 -5.34 1.45 -20.87
CA VAL A 30 -5.08 2.70 -21.59
C VAL A 30 -4.54 2.44 -23.00
N LEU A 31 -3.55 1.55 -23.11
CA LEU A 31 -2.96 1.26 -24.41
C LEU A 31 -3.95 0.69 -25.43
N LEU A 32 -4.99 0.02 -24.95
CA LEU A 32 -6.00 -0.53 -25.85
C LEU A 32 -6.78 0.60 -26.52
N GLN A 33 -6.73 1.78 -25.90
CA GLN A 33 -7.42 2.97 -26.42
C GLN A 33 -6.57 3.69 -27.45
N GLY A 34 -5.27 3.39 -27.43
CA GLY A 34 -4.34 4.01 -28.36
C GLY A 34 -2.98 4.16 -27.69
N GLU A 35 -1.96 4.35 -28.51
CA GLU A 35 -0.59 4.49 -28.01
C GLU A 35 -0.47 5.56 -26.94
N SER A 36 0.42 5.31 -25.99
CA SER A 36 0.63 6.27 -24.91
C SER A 36 2.09 6.26 -24.53
N TYR A 37 2.42 7.02 -23.48
CA TYR A 37 3.79 7.11 -23.02
C TYR A 37 3.80 7.25 -21.51
N GLY A 38 4.97 6.99 -20.90
CA GLY A 38 5.10 7.03 -19.45
C GLY A 38 4.48 8.18 -18.69
N THR A 39 4.90 9.40 -19.00
CA THR A 39 4.36 10.55 -18.29
C THR A 39 2.85 10.67 -18.41
N GLU A 40 2.31 10.33 -19.58
CA GLU A 40 0.87 10.42 -19.78
C GLU A 40 0.14 9.34 -18.99
N LEU A 41 0.71 8.14 -18.95
CA LEU A 41 0.10 7.05 -18.20
C LEU A 41 -0.07 7.46 -16.74
N ILE A 42 0.93 8.12 -16.20
CA ILE A 42 0.88 8.56 -14.81
C ILE A 42 -0.13 9.69 -14.62
N GLN A 43 -0.02 10.72 -15.45
CA GLN A 43 -0.93 11.86 -15.34
C GLN A 43 -2.39 11.50 -15.59
N GLN A 44 -2.64 10.67 -16.61
CA GLN A 44 -3.99 10.28 -16.96
C GLN A 44 -4.69 9.54 -15.81
N LEU A 45 -3.92 8.77 -15.05
CA LEU A 45 -4.50 8.02 -13.94
C LEU A 45 -5.05 8.98 -12.89
N GLU A 46 -4.24 9.97 -12.51
CA GLU A 46 -4.63 10.95 -11.52
C GLU A 46 -5.83 11.78 -11.98
N THR A 47 -5.86 12.12 -13.26
CA THR A 47 -6.95 12.91 -13.81
C THR A 47 -8.27 12.14 -13.85
N GLU A 48 -8.21 10.88 -14.23
CA GLU A 48 -9.42 10.05 -14.30
C GLU A 48 -9.86 9.51 -12.94
N HIS A 49 -8.89 9.25 -12.08
CA HIS A 49 -9.19 8.71 -10.75
C HIS A 49 -8.34 9.43 -9.70
N PRO A 50 -8.78 10.62 -9.28
CA PRO A 50 -8.12 11.47 -8.28
C PRO A 50 -7.66 10.78 -6.99
N THR A 51 -8.25 9.63 -6.67
CA THR A 51 -7.87 8.92 -5.45
C THR A 51 -6.82 7.84 -5.69
N TYR A 52 -6.22 7.85 -6.88
CA TYR A 52 -5.19 6.88 -7.23
C TYR A 52 -3.95 7.56 -7.79
N ARG A 53 -2.81 6.88 -7.66
CA ARG A 53 -1.55 7.40 -8.16
C ARG A 53 -0.72 6.26 -8.71
N LEU A 54 0.21 6.58 -9.60
CA LEU A 54 1.10 5.59 -10.17
C LEU A 54 2.50 6.15 -10.05
N SER A 55 3.36 5.46 -9.31
CA SER A 55 4.73 5.91 -9.12
C SER A 55 5.56 5.58 -10.34
N ASP A 56 6.66 6.31 -10.49
CA ASP A 56 7.56 6.11 -11.59
C ASP A 56 8.14 4.70 -11.50
N THR A 57 8.43 4.25 -10.28
CA THR A 57 8.99 2.92 -10.05
C THR A 57 8.04 1.80 -10.44
N VAL A 58 6.77 1.91 -10.06
CA VAL A 58 5.82 0.87 -10.42
C VAL A 58 5.52 0.93 -11.92
N LEU A 59 5.46 2.13 -12.48
CA LEU A 59 5.21 2.29 -13.90
C LEU A 59 6.23 1.48 -14.70
N TYR A 60 7.51 1.65 -14.40
CA TYR A 60 8.52 0.98 -15.21
C TYR A 60 8.70 -0.47 -14.76
N SER A 61 8.24 -0.88 -13.59
CA SER A 61 8.29 -2.28 -13.22
C SER A 61 7.24 -2.96 -14.12
N ALA A 62 6.13 -2.26 -14.33
CA ALA A 62 5.04 -2.76 -15.17
C ALA A 62 5.46 -2.81 -16.63
N ILE A 63 6.12 -1.75 -17.09
CA ILE A 63 6.58 -1.70 -18.48
C ILE A 63 7.57 -2.84 -18.72
N LYS A 64 8.45 -3.08 -17.76
CA LYS A 64 9.42 -4.17 -17.89
C LYS A 64 8.67 -5.48 -18.07
N PHE A 65 7.68 -5.73 -17.22
CA PHE A 65 6.89 -6.95 -17.32
C PHE A 65 6.27 -7.09 -18.70
N LEU A 66 5.61 -6.02 -19.14
CA LEU A 66 4.93 -6.02 -20.44
C LEU A 66 5.89 -6.24 -21.60
N GLU A 67 7.02 -5.54 -21.60
CA GLU A 67 7.99 -5.72 -22.68
C GLU A 67 8.63 -7.10 -22.62
N ASP A 68 8.97 -7.56 -21.42
CA ASP A 68 9.58 -8.89 -21.28
C ASP A 68 8.68 -9.97 -21.86
N ASN A 69 7.37 -9.80 -21.69
CA ASN A 69 6.40 -10.76 -22.17
C ASN A 69 5.90 -10.47 -23.59
N ARG A 70 6.49 -9.46 -24.22
CA ARG A 70 6.14 -9.09 -25.59
C ARG A 70 4.68 -8.68 -25.71
N ALA A 71 4.12 -8.13 -24.62
CA ALA A 71 2.73 -7.71 -24.61
C ALA A 71 2.57 -6.31 -25.21
N ILE A 72 3.67 -5.56 -25.23
CA ILE A 72 3.64 -4.22 -25.80
C ILE A 72 4.91 -4.00 -26.62
N THR A 73 4.86 -3.04 -27.53
CA THR A 73 6.01 -2.69 -28.35
C THR A 73 6.31 -1.23 -28.06
N GLY A 74 7.59 -0.87 -28.06
CA GLY A 74 7.96 0.50 -27.84
C GLY A 74 8.70 1.03 -29.04
N TYR A 75 8.62 2.34 -29.27
CA TYR A 75 9.31 2.97 -30.37
C TYR A 75 9.50 4.45 -30.07
N TRP A 76 10.45 5.08 -30.76
CA TRP A 76 10.71 6.49 -30.56
C TRP A 76 9.92 7.38 -31.51
N LYS A 77 9.30 8.41 -30.95
CA LYS A 77 8.51 9.33 -31.75
C LYS A 77 9.06 10.75 -31.66
N LYS A 78 9.21 11.40 -32.81
CA LYS A 78 9.70 12.76 -32.83
C LYS A 78 8.50 13.69 -32.77
N LEU A 79 8.52 14.63 -31.82
CA LEU A 79 7.42 15.58 -31.66
C LEU A 79 7.79 16.89 -32.34
N GLU A 80 6.81 17.51 -32.99
CA GLU A 80 7.06 18.78 -33.68
C GLU A 80 7.24 19.89 -32.64
N GLY A 81 8.32 20.65 -32.80
CA GLY A 81 8.57 21.75 -31.87
C GLY A 81 9.41 21.38 -30.66
N ARG A 82 9.65 20.08 -30.45
CA ARG A 82 10.45 19.66 -29.31
C ARG A 82 11.64 18.81 -29.76
N GLY A 83 12.81 19.12 -29.21
CA GLY A 83 14.00 18.39 -29.56
C GLY A 83 14.07 16.95 -29.06
N ARG A 84 13.69 16.74 -27.81
CA ARG A 84 13.73 15.39 -27.23
C ARG A 84 12.63 14.49 -27.77
N PRO A 85 13.01 13.30 -28.28
CA PRO A 85 12.00 12.39 -28.81
C PRO A 85 11.21 11.81 -27.64
N ARG A 86 10.08 11.18 -27.95
CA ARG A 86 9.22 10.60 -26.93
C ARG A 86 9.10 9.09 -27.12
N ARG A 87 9.24 8.33 -26.04
CA ARG A 87 9.14 6.87 -26.13
C ARG A 87 7.66 6.47 -26.01
N MET A 88 7.12 5.93 -27.09
CA MET A 88 5.71 5.51 -27.14
C MET A 88 5.54 4.00 -27.02
N TYR A 89 4.40 3.59 -26.50
CA TYR A 89 4.10 2.18 -26.32
C TYR A 89 2.76 1.83 -26.97
N GLN A 90 2.65 0.63 -27.51
CA GLN A 90 1.43 0.14 -28.14
C GLN A 90 1.24 -1.30 -27.74
N VAL A 91 0.00 -1.76 -27.63
CA VAL A 91 -0.22 -3.15 -27.28
C VAL A 91 0.22 -3.98 -28.49
N SER A 92 0.85 -5.12 -28.25
CA SER A 92 1.27 -5.98 -29.35
C SER A 92 0.00 -6.54 -30.00
N PRO A 93 -0.04 -6.58 -31.34
CA PRO A 93 -1.20 -7.09 -32.08
C PRO A 93 -1.80 -8.40 -31.56
N GLU A 94 -0.97 -9.41 -31.35
CA GLU A 94 -1.47 -10.69 -30.89
C GLU A 94 -1.88 -10.74 -29.42
N TRP A 95 -1.59 -9.67 -28.68
CA TRP A 95 -1.96 -9.62 -27.27
C TRP A 95 -3.30 -8.92 -27.06
N GLN A 96 -3.97 -8.60 -28.14
CA GLN A 96 -5.26 -7.91 -28.09
C GLN A 96 -6.23 -8.55 -27.09
N HIS A 97 -6.55 -9.82 -27.30
CA HIS A 97 -7.49 -10.52 -26.44
C HIS A 97 -7.06 -10.59 -24.98
N GLN A 98 -5.81 -10.97 -24.73
CA GLN A 98 -5.31 -11.07 -23.37
C GLN A 98 -5.30 -9.70 -22.68
N ALA A 99 -4.90 -8.67 -23.41
CA ALA A 99 -4.87 -7.33 -22.83
C ALA A 99 -6.27 -6.90 -22.45
N GLU A 100 -7.27 -7.29 -23.23
CA GLU A 100 -8.65 -6.93 -22.93
C GLU A 100 -9.12 -7.64 -21.67
N ASP A 101 -8.67 -8.88 -21.47
CA ASP A 101 -9.06 -9.63 -20.27
C ASP A 101 -8.45 -8.96 -19.04
N LEU A 102 -7.20 -8.55 -19.15
CA LEU A 102 -6.53 -7.89 -18.03
C LEU A 102 -7.11 -6.51 -17.80
N ALA A 103 -7.50 -5.84 -18.88
CA ALA A 103 -8.09 -4.52 -18.75
C ALA A 103 -9.40 -4.61 -17.96
N ARG A 104 -10.14 -5.68 -18.17
CA ARG A 104 -11.40 -5.87 -17.46
C ARG A 104 -11.14 -5.99 -15.96
N LEU A 105 -10.01 -6.59 -15.59
CA LEU A 105 -9.68 -6.72 -14.17
C LEU A 105 -9.50 -5.33 -13.57
N TRP A 106 -8.89 -4.43 -14.33
CA TRP A 106 -8.68 -3.06 -13.88
C TRP A 106 -10.02 -2.35 -13.70
N GLN A 107 -10.87 -2.43 -14.73
CA GLN A 107 -12.17 -1.78 -14.68
C GLN A 107 -13.00 -2.24 -13.49
N ASN A 108 -13.00 -3.55 -13.22
CA ASN A 108 -13.75 -4.08 -12.09
C ASN A 108 -13.12 -3.62 -10.78
N TYR A 109 -11.79 -3.64 -10.74
CA TYR A 109 -11.03 -3.24 -9.56
C TYR A 109 -11.34 -1.78 -9.17
N ILE A 110 -11.34 -0.91 -10.16
CA ILE A 110 -11.59 0.51 -9.95
C ILE A 110 -13.07 0.81 -9.73
N TYR A 111 -13.94 -0.05 -10.25
CA TYR A 111 -15.38 0.14 -10.10
C TYR A 111 -15.78 -0.08 -8.65
N VAL A 112 -15.40 -1.24 -8.11
CA VAL A 112 -15.72 -1.59 -6.73
C VAL A 112 -15.10 -0.66 -5.69
N ARG A 113 -13.89 -0.19 -5.98
CA ARG A 113 -13.17 0.70 -5.07
C ARG A 113 -13.40 2.19 -5.37
N THR A 114 -14.46 2.50 -6.11
CA THR A 114 -14.74 3.89 -6.45
C THR A 114 -16.21 4.13 -6.72
N ASN A 115 -16.98 3.05 -6.83
CA ASN A 115 -18.41 3.17 -7.09
C ASN A 115 -19.20 2.11 -6.32
N MET B 1 7.77 -11.88 -12.38
CA MET B 1 6.30 -12.06 -12.22
C MET B 1 5.69 -12.75 -13.43
N LYS B 2 4.68 -13.59 -13.19
CA LYS B 2 4.00 -14.31 -14.27
C LYS B 2 2.61 -13.73 -14.46
N ILE B 3 2.04 -13.97 -15.64
CA ILE B 3 0.70 -13.48 -15.94
C ILE B 3 -0.31 -14.08 -14.96
N GLU B 4 -0.06 -15.30 -14.51
CA GLU B 4 -0.96 -15.97 -13.58
C GLU B 4 -0.97 -15.25 -12.23
N ASP B 5 0.14 -14.59 -11.89
CA ASP B 5 0.22 -13.88 -10.63
C ASP B 5 -0.71 -12.68 -10.66
N ILE B 6 -0.96 -12.14 -11.85
CA ILE B 6 -1.85 -11.00 -11.97
C ILE B 6 -3.26 -11.45 -11.62
N TYR B 7 -3.68 -12.56 -12.22
CA TYR B 7 -5.02 -13.09 -11.96
C TYR B 7 -5.18 -13.45 -10.49
N GLN B 8 -4.14 -14.07 -9.92
CA GLN B 8 -4.17 -14.45 -8.52
C GLN B 8 -4.36 -13.25 -7.61
N PHE B 9 -3.71 -12.14 -7.96
CA PHE B 9 -3.82 -10.93 -7.16
C PHE B 9 -5.28 -10.50 -6.98
N PHE B 10 -6.06 -10.61 -8.04
CA PHE B 10 -7.46 -10.23 -8.01
C PHE B 10 -8.33 -11.34 -7.45
N GLU B 11 -7.95 -12.58 -7.72
CA GLU B 11 -8.69 -13.75 -7.24
C GLU B 11 -8.57 -13.87 -5.72
N ASN B 12 -7.33 -13.87 -5.25
CA ASN B 12 -7.04 -13.98 -3.82
C ASN B 12 -6.19 -12.77 -3.40
N PRO B 13 -6.86 -11.65 -3.10
CA PRO B 13 -6.22 -10.39 -2.69
C PRO B 13 -5.22 -10.59 -1.56
N PRO B 14 -3.99 -10.07 -1.72
CA PRO B 14 -3.01 -10.22 -0.64
C PRO B 14 -3.42 -9.37 0.55
N PRO B 15 -2.85 -9.64 1.73
CA PRO B 15 -3.20 -8.87 2.92
C PRO B 15 -2.78 -7.40 2.84
N THR B 16 -3.43 -6.58 3.64
CA THR B 16 -3.14 -5.16 3.68
C THR B 16 -2.06 -4.95 4.74
N TYR B 17 -0.96 -4.31 4.36
CA TYR B 17 0.11 -4.03 5.32
C TYR B 17 -0.13 -2.63 5.89
N LEU B 18 -0.13 -2.53 7.21
CA LEU B 18 -0.35 -1.24 7.86
C LEU B 18 0.76 -0.25 7.55
N CYS B 19 0.35 0.98 7.25
CA CYS B 19 1.33 2.05 7.10
C CYS B 19 1.69 2.63 8.47
N GLN B 20 2.69 3.40 8.60
CA GLN B 20 3.08 3.90 9.93
C GLN B 20 2.00 4.61 10.73
N GLU B 21 1.22 5.48 10.09
CA GLU B 21 0.17 6.21 10.80
C GLU B 21 -0.82 5.26 11.47
N VAL B 22 -1.25 4.25 10.72
CA VAL B 22 -2.20 3.28 11.24
C VAL B 22 -1.56 2.38 12.29
N ALA B 23 -0.33 1.94 12.02
CA ALA B 23 0.38 1.09 12.96
C ALA B 23 0.54 1.76 14.31
N ILE B 24 0.79 3.07 14.31
CA ILE B 24 0.94 3.79 15.57
C ILE B 24 -0.34 3.67 16.40
N CYS B 25 -1.49 3.87 15.76
CA CYS B 25 -2.78 3.77 16.45
C CYS B 25 -3.07 2.35 16.92
N TYR B 26 -2.74 1.36 16.09
CA TYR B 26 -2.95 -0.04 16.44
C TYR B 26 -2.11 -0.42 17.66
N ILE B 27 -0.85 -0.01 17.64
CA ILE B 27 0.06 -0.31 18.75
C ILE B 27 -0.47 0.31 20.03
N LEU B 28 -0.86 1.58 19.98
CA LEU B 28 -1.38 2.22 21.19
C LEU B 28 -2.67 1.54 21.66
N TYR B 29 -3.50 1.12 20.72
CA TYR B 29 -4.73 0.41 21.05
C TYR B 29 -4.40 -0.84 21.88
N VAL B 30 -3.37 -1.57 21.48
CA VAL B 30 -2.97 -2.78 22.18
C VAL B 30 -2.32 -2.46 23.53
N LEU B 31 -1.36 -1.53 23.53
CA LEU B 31 -0.67 -1.18 24.78
C LEU B 31 -1.59 -0.67 25.88
N LEU B 32 -2.69 -0.01 25.49
CA LEU B 32 -3.63 0.51 26.48
C LEU B 32 -4.32 -0.65 27.22
N GLN B 33 -4.36 -1.81 26.57
CA GLN B 33 -4.99 -2.98 27.20
C GLN B 33 -4.01 -3.73 28.08
N GLY B 34 -2.71 -3.51 27.84
CA GLY B 34 -1.68 -4.16 28.61
C GLY B 34 -0.37 -4.16 27.85
N GLU B 35 0.74 -4.31 28.57
CA GLU B 35 2.06 -4.31 27.95
C GLU B 35 2.18 -5.39 26.87
N SER B 36 2.97 -5.08 25.85
CA SER B 36 3.19 -6.04 24.77
C SER B 36 4.59 -5.81 24.21
N TYR B 37 5.02 -6.70 23.32
CA TYR B 37 6.35 -6.56 22.72
C TYR B 37 6.23 -6.72 21.21
N GLY B 38 7.29 -6.39 20.50
CA GLY B 38 7.29 -6.43 19.05
C GLY B 38 6.70 -7.63 18.34
N THR B 39 7.26 -8.80 18.57
CA THR B 39 6.77 -10.00 17.90
C THR B 39 5.31 -10.28 18.21
N GLU B 40 4.88 -9.99 19.43
CA GLU B 40 3.48 -10.21 19.82
C GLU B 40 2.55 -9.21 19.11
N LEU B 41 2.98 -7.96 19.03
CA LEU B 41 2.16 -6.94 18.36
C LEU B 41 1.87 -7.38 16.93
N ILE B 42 2.89 -7.91 16.26
CA ILE B 42 2.72 -8.36 14.88
C ILE B 42 1.85 -9.61 14.82
N GLN B 43 2.16 -10.60 15.64
CA GLN B 43 1.41 -11.85 15.62
C GLN B 43 -0.06 -11.67 15.99
N GLN B 44 -0.31 -10.88 17.03
CA GLN B 44 -1.67 -10.63 17.49
C GLN B 44 -2.54 -10.07 16.36
N LEU B 45 -1.97 -9.14 15.59
CA LEU B 45 -2.70 -8.52 14.49
C LEU B 45 -3.12 -9.52 13.41
N GLU B 46 -2.15 -10.27 12.89
CA GLU B 46 -2.49 -11.21 11.82
C GLU B 46 -3.27 -12.43 12.27
N THR B 47 -3.23 -12.73 13.57
CA THR B 47 -4.00 -13.87 14.07
C THR B 47 -5.47 -13.48 14.15
N GLU B 48 -5.74 -12.29 14.68
CA GLU B 48 -7.10 -11.81 14.82
C GLU B 48 -7.69 -11.22 13.54
N HIS B 49 -6.83 -10.65 12.70
CA HIS B 49 -7.25 -10.04 11.43
C HIS B 49 -6.33 -10.59 10.34
N PRO B 50 -6.60 -11.84 9.89
CA PRO B 50 -5.84 -12.56 8.86
C PRO B 50 -5.54 -11.86 7.55
N THR B 51 -6.33 -10.84 7.18
CA THR B 51 -6.08 -10.14 5.93
C THR B 51 -5.26 -8.88 6.15
N TYR B 52 -4.65 -8.78 7.34
CA TYR B 52 -3.82 -7.64 7.71
C TYR B 52 -2.45 -8.10 8.16
N ARG B 53 -1.44 -7.25 7.93
CA ARG B 53 -0.07 -7.57 8.32
C ARG B 53 0.63 -6.32 8.83
N LEU B 54 1.65 -6.51 9.65
CA LEU B 54 2.46 -5.41 10.18
C LEU B 54 3.90 -5.84 9.97
N SER B 55 4.64 -5.10 9.16
CA SER B 55 6.03 -5.44 8.89
C SER B 55 6.96 -5.02 10.03
N ASP B 56 8.14 -5.63 10.10
CA ASP B 56 9.11 -5.27 11.13
C ASP B 56 9.51 -3.82 10.93
N THR B 57 9.67 -3.43 9.66
CA THR B 57 10.06 -2.07 9.32
C THR B 57 9.07 -1.05 9.85
N VAL B 58 7.79 -1.26 9.57
CA VAL B 58 6.78 -0.32 10.04
C VAL B 58 6.66 -0.39 11.56
N LEU B 59 6.67 -1.60 12.11
CA LEU B 59 6.58 -1.78 13.55
C LEU B 59 7.63 -0.94 14.28
N TYR B 60 8.89 -1.06 13.89
CA TYR B 60 9.91 -0.36 14.66
C TYR B 60 10.02 1.09 14.21
N SER B 61 9.49 1.49 13.06
CA SER B 61 9.47 2.90 12.69
C SER B 61 8.45 3.54 13.65
N ALA B 62 7.35 2.83 13.90
CA ALA B 62 6.29 3.30 14.79
C ALA B 62 6.79 3.37 16.23
N ILE B 63 7.52 2.33 16.66
CA ILE B 63 8.06 2.30 18.01
C ILE B 63 9.03 3.45 18.20
N LYS B 64 9.87 3.71 17.20
CA LYS B 64 10.83 4.81 17.30
C LYS B 64 10.08 6.11 17.46
N PHE B 65 9.03 6.28 16.67
CA PHE B 65 8.22 7.50 16.75
C PHE B 65 7.68 7.66 18.16
N LEU B 66 7.05 6.61 18.67
CA LEU B 66 6.48 6.65 20.01
C LEU B 66 7.53 6.90 21.11
N GLU B 67 8.70 6.28 21.01
CA GLU B 67 9.72 6.50 22.03
C GLU B 67 10.35 7.88 21.89
N ASP B 68 10.57 8.33 20.67
CA ASP B 68 11.16 9.65 20.44
C ASP B 68 10.26 10.73 21.04
N ASN B 69 8.94 10.48 20.98
CA ASN B 69 7.96 11.42 21.51
C ASN B 69 7.59 11.16 22.96
N ARG B 70 8.31 10.23 23.59
CA ARG B 70 8.08 9.89 25.00
C ARG B 70 6.65 9.42 25.25
N ALA B 71 6.04 8.80 24.24
CA ALA B 71 4.67 8.30 24.34
C ALA B 71 4.62 6.94 25.00
N ILE B 72 5.71 6.19 24.89
CA ILE B 72 5.80 4.87 25.52
C ILE B 72 7.15 4.68 26.17
N THR B 73 7.23 3.68 27.03
CA THR B 73 8.47 3.34 27.72
C THR B 73 8.71 1.86 27.42
N GLY B 74 9.96 1.43 27.54
CA GLY B 74 10.26 0.03 27.30
C GLY B 74 11.16 -0.49 28.39
N TYR B 75 11.05 -1.78 28.67
CA TYR B 75 11.91 -2.42 29.68
C TYR B 75 12.02 -3.88 29.28
N TRP B 76 13.17 -4.50 29.55
CA TRP B 76 13.37 -5.89 29.22
C TRP B 76 12.78 -6.83 30.26
N LYS B 77 12.04 -7.82 29.80
CA LYS B 77 11.42 -8.78 30.69
C LYS B 77 11.68 -10.22 30.28
N LYS B 78 11.97 -11.05 31.27
CA LYS B 78 12.20 -12.47 31.02
C LYS B 78 10.84 -13.13 31.10
N LEU B 79 10.33 -13.61 29.97
CA LEU B 79 9.04 -14.26 29.93
C LEU B 79 9.13 -15.71 30.39
N GLU B 80 8.05 -16.23 30.94
CA GLU B 80 8.03 -17.62 31.41
C GLU B 80 8.13 -18.58 30.24
N GLY B 81 8.96 -19.60 30.39
CA GLY B 81 9.12 -20.59 29.35
C GLY B 81 9.92 -20.14 28.14
N ARG B 82 10.48 -18.93 28.20
CA ARG B 82 11.27 -18.44 27.08
C ARG B 82 12.60 -17.88 27.55
N GLY B 83 13.67 -18.33 26.91
CA GLY B 83 15.00 -17.88 27.27
C GLY B 83 15.33 -16.46 26.87
N ARG B 84 14.92 -16.06 25.67
CA ARG B 84 15.21 -14.71 25.17
C ARG B 84 14.29 -13.63 25.74
N PRO B 85 14.87 -12.68 26.47
CA PRO B 85 14.07 -11.57 27.02
C PRO B 85 13.42 -10.74 25.92
N ARG B 86 12.32 -10.11 26.22
CA ARG B 86 11.62 -9.27 25.25
C ARG B 86 11.50 -7.88 25.83
N ARG B 87 11.50 -6.86 24.96
CA ARG B 87 11.37 -5.49 25.42
C ARG B 87 9.88 -5.15 25.43
N MET B 88 9.33 -5.00 26.64
CA MET B 88 7.92 -4.69 26.86
C MET B 88 7.67 -3.19 26.77
N TYR B 89 6.60 -2.81 26.07
CA TYR B 89 6.25 -1.40 25.97
C TYR B 89 4.99 -1.09 26.76
N GLN B 90 4.95 0.12 27.29
CA GLN B 90 3.81 0.59 28.06
C GLN B 90 3.60 2.04 27.72
N VAL B 91 2.35 2.48 27.75
CA VAL B 91 2.03 3.88 27.45
C VAL B 91 2.43 4.75 28.63
N SER B 92 3.11 5.86 28.36
CA SER B 92 3.53 6.76 29.43
C SER B 92 2.30 7.46 30.00
N PRO B 93 2.28 7.69 31.31
CA PRO B 93 1.13 8.37 31.93
C PRO B 93 0.77 9.67 31.23
N GLU B 94 1.78 10.42 30.81
CA GLU B 94 1.50 11.69 30.15
C GLU B 94 0.76 11.55 28.84
N TRP B 95 0.86 10.39 28.22
CA TRP B 95 0.20 10.15 26.94
C TRP B 95 -1.07 9.31 27.03
N GLN B 96 -1.50 8.99 28.25
CA GLN B 96 -2.69 8.18 28.42
C GLN B 96 -3.90 8.67 27.63
N HIS B 97 -4.25 9.94 27.76
CA HIS B 97 -5.42 10.46 27.09
C HIS B 97 -5.26 10.63 25.59
N GLN B 98 -4.08 11.07 25.17
CA GLN B 98 -3.80 11.23 23.76
C GLN B 98 -3.81 9.84 23.11
N ALA B 99 -3.24 8.86 23.81
CA ALA B 99 -3.20 7.50 23.29
C ALA B 99 -4.61 6.94 23.10
N GLU B 100 -5.49 7.22 24.04
CA GLU B 100 -6.87 6.75 23.94
C GLU B 100 -7.50 7.27 22.65
N ASP B 101 -7.25 8.55 22.35
CA ASP B 101 -7.79 9.17 21.15
C ASP B 101 -7.26 8.50 19.87
N LEU B 102 -5.98 8.20 19.85
CA LEU B 102 -5.39 7.55 18.68
C LEU B 102 -5.87 6.12 18.56
N ALA B 103 -6.01 5.43 19.69
CA ALA B 103 -6.49 4.05 19.69
C ALA B 103 -7.87 3.97 19.04
N ARG B 104 -8.70 4.98 19.29
CA ARG B 104 -10.05 5.06 18.72
C ARG B 104 -9.99 5.05 17.19
N LEU B 105 -8.99 5.72 16.64
CA LEU B 105 -8.85 5.78 15.20
C LEU B 105 -8.64 4.38 14.62
N TRP B 106 -7.84 3.56 15.29
CA TRP B 106 -7.61 2.20 14.83
C TRP B 106 -8.88 1.37 14.98
N GLN B 107 -9.51 1.47 16.15
CA GLN B 107 -10.72 0.69 16.38
C GLN B 107 -11.75 0.97 15.29
N ASN B 108 -11.90 2.24 14.92
CA ASN B 108 -12.86 2.58 13.88
C ASN B 108 -12.40 2.14 12.49
N TYR B 109 -11.11 2.32 12.23
CA TYR B 109 -10.53 1.94 10.95
C TYR B 109 -10.77 0.48 10.60
N ILE B 110 -10.43 -0.41 11.53
CA ILE B 110 -10.59 -1.83 11.28
C ILE B 110 -12.07 -2.24 11.26
N TYR B 111 -12.89 -1.61 12.08
CA TYR B 111 -14.31 -1.94 12.09
C TYR B 111 -14.93 -1.62 10.73
N VAL B 112 -14.79 -0.38 10.29
CA VAL B 112 -15.37 0.03 9.02
C VAL B 112 -14.91 -0.82 7.84
N ARG B 113 -13.63 -1.18 7.83
CA ARG B 113 -13.09 -1.98 6.73
C ARG B 113 -13.46 -3.45 6.74
N THR B 114 -13.99 -3.95 7.85
CA THR B 114 -14.34 -5.38 7.91
C THR B 114 -15.81 -5.64 8.20
N ASN B 115 -16.61 -4.57 8.17
CA ASN B 115 -18.04 -4.66 8.42
C ASN B 115 -18.79 -3.80 7.42
P PO4 C . 8.09 12.59 -22.27
O1 PO4 C . 6.99 12.94 -21.32
O2 PO4 C . 7.79 13.18 -23.60
O3 PO4 C . 9.38 13.11 -21.78
O4 PO4 C . 8.18 11.11 -22.41
#